data_4YMA
#
_entry.id   4YMA
#
_cell.length_a   48.880
_cell.length_b   65.250
_cell.length_c   91.550
_cell.angle_alpha   90.000
_cell.angle_beta   92.360
_cell.angle_gamma   90.000
#
_symmetry.space_group_name_H-M   'P 1 21 1'
#
loop_
_entity.id
_entity.type
_entity.pdbx_description
1 polymer 'Glutamate receptor 2'
2 non-polymer 'SULFATE ION'
3 non-polymer GLYCEROL
4 non-polymer (3R)-3-(3-carboxy-5-hydroxyphenyl)-L-proline
5 non-polymer 1,2-ETHANEDIOL
6 non-polymer 'ACETATE ION'
7 water water
#
_entity_poly.entity_id   1
_entity_poly.type   'polypeptide(L)'
_entity_poly.pdbx_seq_one_letter_code
;GANKTVVVTTILESPYVMMKKNHEMLEGNERYEGYCVDLAAEIAKHCGFKYKLTIVGDGKYGARDADTKIWNGMVGELVY
GKADIAIAPLTITLVREEVIDFSKPFMSLGISIMIKKGTPIESAEDLSKQTEIAYGTLDSGSTKEFFRRSKIAVFDKMWT
YMRSAEPSVFVRTTAEGVARVRKSKGKYAYLLESTMNEYIEQRKPCDTMKVGGNLDSKGYGIATPKGSSLGNAVNLAVLK
LNEQGLLDKLKNKWWYDKGECGSG
;
_entity_poly.pdbx_strand_id   B,A
#
loop_
_chem_comp.id
_chem_comp.type
_chem_comp.name
_chem_comp.formula
4E5 non-polymer (3R)-3-(3-carboxy-5-hydroxyphenyl)-L-proline 'C12 H13 N O5'
ACT non-polymer 'ACETATE ION' 'C2 H3 O2 -1'
EDO non-polymer 1,2-ETHANEDIOL 'C2 H6 O2'
GOL non-polymer GLYCEROL 'C3 H8 O3'
SO4 non-polymer 'SULFATE ION' 'O4 S -2'
#
# COMPACT_ATOMS: atom_id res chain seq x y z
N LYS A 4 18.10 21.97 17.50
CA LYS A 4 17.80 22.92 16.43
C LYS A 4 16.47 22.58 15.77
N THR A 5 15.75 23.61 15.33
CA THR A 5 14.46 23.43 14.66
C THR A 5 14.62 22.56 13.42
N VAL A 6 13.75 21.55 13.30
CA VAL A 6 13.79 20.61 12.19
C VAL A 6 13.46 21.28 10.87
N VAL A 7 14.34 21.09 9.89
CA VAL A 7 14.12 21.63 8.55
C VAL A 7 13.38 20.62 7.68
N VAL A 8 12.12 20.91 7.38
CA VAL A 8 11.33 20.07 6.48
C VAL A 8 11.41 20.59 5.05
N THR A 9 11.76 19.73 4.11
CA THR A 9 11.63 20.10 2.71
C THR A 9 10.39 19.45 2.11
N THR A 10 9.69 20.20 1.28
CA THR A 10 8.48 19.71 0.64
C THR A 10 8.36 20.46 -0.68
N ILE A 11 7.30 20.17 -1.43
CA ILE A 11 7.14 20.74 -2.76
C ILE A 11 5.71 21.28 -2.90
N LEU A 12 5.56 22.42 -3.56
CA LEU A 12 4.23 23.03 -3.75
C LEU A 12 3.50 22.32 -4.86
N GLU A 13 2.67 21.35 -4.46
CA GLU A 13 1.86 20.56 -5.39
C GLU A 13 0.55 20.26 -4.70
N SER A 14 -0.56 20.64 -5.32
CA SER A 14 -1.88 20.42 -4.73
C SER A 14 -2.30 18.97 -4.88
N PRO A 15 -2.96 18.40 -3.86
CA PRO A 15 -3.39 19.08 -2.63
C PRO A 15 -2.41 18.88 -1.47
N TYR A 16 -1.18 18.52 -1.80
CA TYR A 16 -0.19 18.20 -0.78
C TYR A 16 0.24 19.42 0.00
N VAL A 17 0.74 20.42 -0.72
CA VAL A 17 1.10 21.69 -0.12
C VAL A 17 0.68 22.82 -1.04
N MET A 18 -0.08 23.77 -0.50
N MET A 18 -0.12 23.75 -0.52
CA MET A 18 -0.57 24.91 -1.26
CA MET A 18 -0.52 24.94 -1.27
C MET A 18 -0.40 26.19 -0.45
C MET A 18 -0.27 26.18 -0.44
N MET A 19 -0.13 27.32 -1.11
CA MET A 19 -0.12 28.60 -0.41
C MET A 19 -1.58 28.96 -0.23
N LYS A 20 -1.97 29.36 0.98
CA LYS A 20 -3.35 29.76 1.24
C LYS A 20 -3.67 31.02 0.44
N LYS A 21 -4.93 31.15 0.01
CA LYS A 21 -5.36 32.31 -0.77
C LYS A 21 -4.91 33.65 -0.18
N ASN A 22 -4.94 33.74 1.15
CA ASN A 22 -4.48 34.96 1.82
C ASN A 22 -3.12 34.77 2.48
N HIS A 23 -2.23 34.00 1.86
CA HIS A 23 -0.93 33.68 2.45
CA HIS A 23 -0.92 33.68 2.43
C HIS A 23 -0.13 34.93 2.80
N GLU A 24 -0.39 36.02 2.08
CA GLU A 24 0.31 37.28 2.28
C GLU A 24 0.09 37.88 3.67
N MET A 25 -1.07 37.58 4.26
CA MET A 25 -1.44 38.09 5.58
C MET A 25 -0.85 37.21 6.68
N LEU A 26 -0.18 36.14 6.28
CA LEU A 26 0.29 35.14 7.23
C LEU A 26 1.82 35.04 7.22
N GLU A 27 2.36 34.16 8.05
CA GLU A 27 3.79 34.09 8.25
C GLU A 27 4.23 32.67 8.60
N GLY A 28 5.40 32.27 8.11
CA GLY A 28 5.96 30.96 8.43
C GLY A 28 5.10 29.80 7.97
N ASN A 29 5.01 28.78 8.82
CA ASN A 29 4.27 27.58 8.45
C ASN A 29 2.79 27.82 8.15
N GLU A 30 2.21 28.86 8.76
CA GLU A 30 0.79 29.16 8.59
C GLU A 30 0.41 29.60 7.17
N ARG A 31 1.42 29.97 6.37
CA ARG A 31 1.19 30.37 4.97
C ARG A 31 0.62 29.22 4.14
N TYR A 32 0.95 27.99 4.55
CA TYR A 32 0.69 26.82 3.73
C TYR A 32 -0.49 26.01 4.26
N GLU A 33 -1.13 25.24 3.37
CA GLU A 33 -2.17 24.30 3.74
C GLU A 33 -2.11 23.12 2.79
N GLY A 34 -2.72 22.01 3.20
CA GLY A 34 -2.79 20.83 2.36
C GLY A 34 -2.53 19.56 3.13
N TYR A 35 -2.66 18.43 2.45
CA TYR A 35 -2.51 17.12 3.07
C TYR A 35 -1.18 17.03 3.82
N CYS A 36 -0.09 17.38 3.13
CA CYS A 36 1.25 17.26 3.72
C CYS A 36 1.54 18.26 4.81
N VAL A 37 0.83 19.38 4.79
CA VAL A 37 0.94 20.35 5.87
C VAL A 37 0.26 19.76 7.13
N ASP A 38 -0.93 19.21 6.96
CA ASP A 38 -1.58 18.50 8.04
C ASP A 38 -0.75 17.32 8.53
N LEU A 39 -0.20 16.53 7.63
CA LEU A 39 0.63 15.38 8.02
C LEU A 39 1.87 15.83 8.80
N ALA A 40 2.53 16.87 8.33
CA ALA A 40 3.71 17.40 9.02
C ALA A 40 3.37 17.76 10.48
N ALA A 41 2.26 18.44 10.67
CA ALA A 41 1.86 18.83 12.01
C ALA A 41 1.64 17.64 12.94
N GLU A 42 1.06 16.56 12.41
CA GLU A 42 0.77 15.37 13.21
C GLU A 42 2.05 14.57 13.48
N ILE A 43 2.95 14.54 12.50
CA ILE A 43 4.21 13.85 12.68
C ILE A 43 5.02 14.56 13.74
N ALA A 44 5.07 15.88 13.64
CA ALA A 44 5.85 16.70 14.55
C ALA A 44 5.29 16.59 15.95
N LYS A 45 3.96 16.61 16.05
CA LYS A 45 3.29 16.50 17.35
C LYS A 45 3.65 15.21 18.07
N HIS A 46 3.59 14.10 17.35
CA HIS A 46 3.84 12.79 17.94
CA HIS A 46 3.84 12.79 17.93
C HIS A 46 5.32 12.56 18.23
N CYS A 47 6.19 13.17 17.45
CA CYS A 47 7.62 13.02 17.65
C CYS A 47 8.21 14.09 18.58
N GLY A 48 7.44 15.13 18.84
CA GLY A 48 7.82 16.16 19.81
C GLY A 48 8.86 17.14 19.31
N PHE A 49 8.81 17.47 18.03
CA PHE A 49 9.75 18.47 17.51
C PHE A 49 9.04 19.68 16.92
N LYS A 50 9.73 20.82 16.90
CA LYS A 50 9.26 22.00 16.18
C LYS A 50 9.91 21.97 14.82
N TYR A 51 9.29 22.60 13.83
CA TYR A 51 9.79 22.47 12.46
C TYR A 51 9.55 23.70 11.60
N LYS A 52 10.31 23.79 10.52
CA LYS A 52 10.13 24.83 9.52
C LYS A 52 9.85 24.19 8.17
N LEU A 53 8.72 24.54 7.58
CA LEU A 53 8.39 24.06 6.24
C LEU A 53 9.17 24.88 5.24
N THR A 54 10.01 24.20 4.47
CA THR A 54 10.74 24.85 3.38
C THR A 54 10.39 24.19 2.05
N ILE A 55 10.48 24.97 0.98
CA ILE A 55 10.15 24.48 -0.36
C ILE A 55 11.42 24.13 -1.11
N VAL A 56 11.48 22.89 -1.60
CA VAL A 56 12.66 22.36 -2.26
C VAL A 56 13.17 23.32 -3.32
N GLY A 57 14.45 23.69 -3.21
CA GLY A 57 15.01 24.73 -4.03
C GLY A 57 14.88 24.55 -5.53
N ASP A 58 15.05 23.32 -5.99
CA ASP A 58 15.14 23.08 -7.43
C ASP A 58 13.83 22.52 -8.02
N GLY A 59 12.81 22.38 -7.19
CA GLY A 59 11.50 21.98 -7.66
C GLY A 59 11.39 20.51 -8.06
N LYS A 60 12.30 19.69 -7.56
CA LYS A 60 12.40 18.31 -7.99
C LYS A 60 12.17 17.36 -6.84
N TYR A 61 11.88 16.10 -7.20
CA TYR A 61 11.61 15.06 -6.22
C TYR A 61 12.88 14.35 -5.75
N GLY A 62 13.61 13.74 -6.68
CA GLY A 62 14.89 13.15 -6.32
C GLY A 62 15.37 12.08 -7.29
N ALA A 63 16.35 12.45 -8.10
CA ALA A 63 16.96 11.55 -9.08
C ALA A 63 18.47 11.77 -9.14
N ARG A 64 19.20 10.73 -9.52
CA ARG A 64 20.65 10.82 -9.61
C ARG A 64 21.02 10.91 -11.08
N ASP A 65 21.79 11.94 -11.43
CA ASP A 65 22.18 12.11 -12.82
C ASP A 65 23.16 11.01 -13.19
N ALA A 66 22.95 10.35 -14.32
CA ALA A 66 23.79 9.23 -14.72
C ALA A 66 25.26 9.64 -14.85
N ASP A 67 25.50 10.79 -15.47
CA ASP A 67 26.86 11.25 -15.73
C ASP A 67 27.51 11.89 -14.51
N THR A 68 26.88 12.95 -13.99
CA THR A 68 27.45 13.71 -12.89
C THR A 68 27.32 12.96 -11.57
N LYS A 69 26.31 12.11 -11.45
CA LYS A 69 26.01 11.34 -10.23
C LYS A 69 25.55 12.15 -9.01
N ILE A 70 25.01 13.34 -9.25
CA ILE A 70 24.51 14.17 -8.17
C ILE A 70 23.01 13.92 -7.99
N TRP A 71 22.56 13.87 -6.74
CA TRP A 71 21.13 13.76 -6.45
C TRP A 71 20.50 15.13 -6.37
N ASN A 72 19.40 15.31 -7.08
CA ASN A 72 18.69 16.57 -7.07
C ASN A 72 17.48 16.49 -6.14
N GLY A 73 16.67 17.54 -6.15
CA GLY A 73 15.39 17.53 -5.46
C GLY A 73 15.44 17.31 -3.96
N MET A 74 14.34 16.84 -3.42
CA MET A 74 14.21 16.62 -1.98
C MET A 74 15.16 15.55 -1.49
N VAL A 75 15.37 14.51 -2.28
CA VAL A 75 16.31 13.46 -1.89
C VAL A 75 17.70 14.06 -1.78
N GLY A 76 18.06 14.85 -2.76
CA GLY A 76 19.34 15.54 -2.76
C GLY A 76 19.52 16.39 -1.51
N GLU A 77 18.48 17.15 -1.15
CA GLU A 77 18.59 18.03 0.01
C GLU A 77 18.87 17.24 1.28
N LEU A 78 18.30 16.03 1.36
CA LEU A 78 18.58 15.14 2.49
C LEU A 78 19.98 14.52 2.40
N VAL A 79 20.34 14.07 1.20
CA VAL A 79 21.59 13.34 1.01
C VAL A 79 22.79 14.24 1.32
N TYR A 80 22.72 15.49 0.89
CA TYR A 80 23.85 16.42 1.03
C TYR A 80 23.71 17.26 2.29
N GLY A 81 22.69 16.96 3.09
CA GLY A 81 22.56 17.53 4.42
C GLY A 81 21.93 18.91 4.49
N LYS A 82 21.19 19.29 3.45
CA LYS A 82 20.54 20.60 3.43
C LYS A 82 19.19 20.63 4.16
N ALA A 83 18.55 19.46 4.30
CA ALA A 83 17.29 19.37 5.04
C ALA A 83 17.29 18.18 6.01
N ASP A 84 16.44 18.26 7.03
CA ASP A 84 16.30 17.21 8.06
C ASP A 84 15.30 16.09 7.74
N ILE A 85 14.21 16.44 7.06
CA ILE A 85 13.18 15.46 6.73
C ILE A 85 12.41 15.95 5.52
N ALA A 86 11.95 15.02 4.69
CA ALA A 86 11.10 15.36 3.54
C ALA A 86 9.70 14.81 3.72
N ILE A 87 8.72 15.70 3.60
CA ILE A 87 7.32 15.33 3.76
C ILE A 87 6.53 15.80 2.56
N ALA A 88 6.24 14.87 1.67
CA ALA A 88 5.80 15.19 0.32
C ALA A 88 5.36 13.90 -0.35
N PRO A 89 4.71 13.99 -1.52
CA PRO A 89 4.37 12.77 -2.25
C PRO A 89 5.61 12.20 -2.95
N LEU A 90 6.49 11.64 -2.13
CA LEU A 90 7.77 11.11 -2.56
C LEU A 90 7.70 9.60 -2.55
N THR A 91 7.79 9.00 -3.73
CA THR A 91 7.69 7.56 -3.83
C THR A 91 8.90 6.83 -3.26
N ILE A 92 8.61 5.76 -2.52
CA ILE A 92 9.62 4.87 -2.01
C ILE A 92 10.14 3.99 -3.14
N THR A 93 11.38 4.24 -3.54
CA THR A 93 11.99 3.47 -4.63
C THR A 93 13.34 2.92 -4.18
N LEU A 94 13.81 1.90 -4.88
CA LEU A 94 15.04 1.21 -4.52
C LEU A 94 16.23 2.15 -4.53
N VAL A 95 16.39 2.93 -5.61
CA VAL A 95 17.54 3.82 -5.72
C VAL A 95 17.52 4.87 -4.61
N ARG A 96 16.35 5.38 -4.25
CA ARG A 96 16.26 6.36 -3.17
C ARG A 96 16.53 5.68 -1.84
N GLU A 97 15.95 4.50 -1.66
CA GLU A 97 16.08 3.76 -0.41
C GLU A 97 17.56 3.47 -0.08
N GLU A 98 18.36 3.26 -1.11
CA GLU A 98 19.81 3.07 -0.92
C GLU A 98 20.56 4.28 -0.34
N VAL A 99 20.04 5.50 -0.54
CA VAL A 99 20.75 6.69 -0.06
C VAL A 99 20.05 7.48 1.05
N ILE A 100 18.77 7.21 1.27
CA ILE A 100 18.05 7.86 2.38
C ILE A 100 17.18 6.86 3.13
N ASP A 101 16.67 7.25 4.30
CA ASP A 101 15.75 6.40 5.04
C ASP A 101 14.31 6.81 4.74
N PHE A 102 13.41 5.82 4.73
CA PHE A 102 12.01 6.08 4.45
C PHE A 102 11.16 5.45 5.55
N SER A 103 10.13 6.17 5.98
CA SER A 103 9.12 5.58 6.82
C SER A 103 8.34 4.57 5.99
N LYS A 104 7.56 3.74 6.68
CA LYS A 104 6.59 2.91 5.97
C LYS A 104 5.63 3.86 5.27
N PRO A 105 4.96 3.37 4.22
CA PRO A 105 4.23 4.33 3.38
C PRO A 105 3.02 4.94 4.08
N PHE A 106 2.81 6.24 3.84
CA PHE A 106 1.63 6.94 4.36
C PHE A 106 0.48 7.03 3.36
N MET A 107 0.75 6.66 2.11
CA MET A 107 -0.27 6.65 1.07
C MET A 107 0.12 5.66 -0.01
N SER A 108 -0.85 4.86 -0.48
CA SER A 108 -0.61 3.91 -1.56
C SER A 108 -0.98 4.51 -2.91
N LEU A 109 -0.36 4.02 -3.98
CA LEU A 109 -0.71 4.48 -5.32
C LEU A 109 -0.15 3.56 -6.40
N GLY A 110 -0.37 3.94 -7.65
CA GLY A 110 0.13 3.19 -8.78
C GLY A 110 -0.13 3.93 -10.07
N ILE A 111 0.50 3.47 -11.14
CA ILE A 111 0.31 4.05 -12.46
C ILE A 111 -1.16 3.80 -12.85
N SER A 112 -1.83 4.83 -13.35
CA SER A 112 -3.26 4.71 -13.67
C SER A 112 -3.59 5.53 -14.93
N ILE A 113 -4.76 5.27 -15.51
CA ILE A 113 -5.15 5.93 -16.76
C ILE A 113 -6.16 7.03 -16.49
N MET A 114 -5.89 8.24 -16.98
CA MET A 114 -6.85 9.33 -16.95
C MET A 114 -7.45 9.54 -18.34
N ILE A 115 -8.77 9.62 -18.42
CA ILE A 115 -9.44 9.90 -19.68
C ILE A 115 -10.34 11.12 -19.57
N LYS A 116 -10.67 11.71 -20.72
CA LYS A 116 -11.73 12.70 -20.77
C LYS A 116 -13.01 11.90 -20.59
N LYS A 117 -13.94 12.42 -19.78
CA LYS A 117 -15.23 11.76 -19.59
C LYS A 117 -15.83 11.44 -20.93
N GLY A 118 -16.25 10.18 -21.12
CA GLY A 118 -16.86 9.78 -22.36
C GLY A 118 -15.96 8.92 -23.24
N THR A 119 -14.67 8.97 -22.99
CA THR A 119 -13.72 8.18 -23.78
C THR A 119 -13.98 6.67 -23.63
N PRO A 120 -14.10 5.95 -24.74
CA PRO A 120 -14.40 4.51 -24.68
C PRO A 120 -13.19 3.66 -24.35
N ILE A 121 -12.69 3.79 -23.13
CA ILE A 121 -11.51 3.05 -22.68
C ILE A 121 -11.70 2.66 -21.22
N GLU A 122 -11.54 1.37 -20.92
CA GLU A 122 -11.68 0.93 -19.54
C GLU A 122 -10.40 0.39 -18.92
N SER A 123 -9.36 0.19 -19.73
CA SER A 123 -8.15 -0.48 -19.24
C SER A 123 -6.94 -0.23 -20.12
N ALA A 124 -5.77 -0.58 -19.59
CA ALA A 124 -4.52 -0.56 -20.35
C ALA A 124 -4.62 -1.45 -21.59
N GLU A 125 -5.14 -2.66 -21.41
CA GLU A 125 -5.31 -3.55 -22.55
C GLU A 125 -6.13 -2.90 -23.68
N ASP A 126 -7.20 -2.19 -23.30
CA ASP A 126 -8.00 -1.42 -24.27
C ASP A 126 -7.14 -0.43 -25.06
N LEU A 127 -6.34 0.37 -24.35
CA LEU A 127 -5.43 1.33 -24.99
C LEU A 127 -4.46 0.63 -25.94
N SER A 128 -3.82 -0.42 -25.45
CA SER A 128 -2.83 -1.18 -26.23
C SER A 128 -3.35 -1.74 -27.56
N LYS A 129 -4.64 -2.03 -27.66
CA LYS A 129 -5.20 -2.67 -28.85
C LYS A 129 -5.57 -1.70 -29.99
N GLN A 130 -5.40 -0.41 -29.76
CA GLN A 130 -5.87 0.57 -30.73
C GLN A 130 -4.95 1.79 -30.81
N THR A 131 -5.19 2.67 -31.80
CA THR A 131 -4.35 3.84 -31.96
C THR A 131 -5.12 5.17 -32.12
N GLU A 132 -6.42 5.08 -32.38
N GLU A 132 -6.42 5.09 -32.38
CA GLU A 132 -7.25 6.27 -32.57
CA GLU A 132 -7.22 6.30 -32.58
C GLU A 132 -7.24 7.18 -31.33
C GLU A 132 -7.24 7.19 -31.32
N ILE A 133 -7.19 6.56 -30.15
CA ILE A 133 -7.05 7.31 -28.91
C ILE A 133 -5.58 7.22 -28.52
N ALA A 134 -4.86 8.31 -28.72
CA ALA A 134 -3.43 8.37 -28.41
C ALA A 134 -3.27 8.39 -26.91
N TYR A 135 -2.14 7.89 -26.42
CA TYR A 135 -1.90 7.81 -24.98
C TYR A 135 -0.42 7.87 -24.67
N GLY A 136 -0.08 8.50 -23.56
CA GLY A 136 1.31 8.65 -23.20
C GLY A 136 1.51 9.06 -21.77
N THR A 137 2.74 9.45 -21.45
CA THR A 137 3.09 9.77 -20.08
C THR A 137 4.11 10.91 -20.03
N LEU A 138 4.63 11.20 -18.84
CA LEU A 138 5.72 12.16 -18.70
C LEU A 138 6.89 11.74 -19.59
N ASP A 139 7.59 12.71 -20.21
CA ASP A 139 8.64 12.37 -21.18
C ASP A 139 9.95 11.90 -20.56
N SER A 140 9.98 11.85 -19.23
CA SER A 140 11.09 11.25 -18.50
C SER A 140 10.61 10.89 -17.10
N GLY A 141 11.32 9.99 -16.43
CA GLY A 141 10.89 9.60 -15.10
C GLY A 141 10.45 8.15 -15.00
N SER A 142 9.93 7.77 -13.85
CA SER A 142 9.72 6.37 -13.52
C SER A 142 8.63 5.69 -14.34
N THR A 143 7.56 6.42 -14.65
CA THR A 143 6.45 5.83 -15.39
C THR A 143 6.91 5.48 -16.79
N LYS A 144 7.65 6.39 -17.43
CA LYS A 144 8.23 6.10 -18.74
C LYS A 144 9.15 4.89 -18.64
N GLU A 145 10.04 4.89 -17.67
CA GLU A 145 11.00 3.79 -17.54
C GLU A 145 10.31 2.44 -17.19
N PHE A 146 9.23 2.51 -16.42
CA PHE A 146 8.39 1.33 -16.16
C PHE A 146 7.98 0.64 -17.47
N PHE A 147 7.46 1.41 -18.40
CA PHE A 147 7.04 0.86 -19.68
C PHE A 147 8.23 0.38 -20.54
N ARG A 148 9.32 1.16 -20.54
CA ARG A 148 10.49 0.80 -21.32
C ARG A 148 11.02 -0.59 -20.95
N ARG A 149 10.98 -0.91 -19.67
CA ARG A 149 11.59 -2.16 -19.19
C ARG A 149 10.60 -3.30 -18.97
N SER A 150 9.31 -3.05 -19.11
CA SER A 150 8.32 -4.07 -18.77
C SER A 150 8.39 -5.28 -19.69
N LYS A 151 8.21 -6.47 -19.11
CA LYS A 151 8.12 -7.70 -19.88
C LYS A 151 6.66 -8.10 -20.10
N ILE A 152 5.74 -7.36 -19.50
CA ILE A 152 4.33 -7.68 -19.65
C ILE A 152 3.93 -7.37 -21.08
N ALA A 153 3.34 -8.35 -21.76
CA ALA A 153 3.04 -8.21 -23.19
C ALA A 153 2.27 -6.94 -23.51
N VAL A 154 1.23 -6.67 -22.73
CA VAL A 154 0.42 -5.47 -22.95
C VAL A 154 1.24 -4.16 -22.79
N PHE A 155 2.06 -4.10 -21.75
CA PHE A 155 2.81 -2.87 -21.49
C PHE A 155 3.96 -2.73 -22.48
N ASP A 156 4.51 -3.86 -22.91
CA ASP A 156 5.53 -3.86 -23.94
C ASP A 156 4.95 -3.27 -25.22
N LYS A 157 3.74 -3.70 -25.55
CA LYS A 157 3.07 -3.19 -26.75
C LYS A 157 2.80 -1.69 -26.65
N MET A 158 2.38 -1.23 -25.47
CA MET A 158 2.15 0.20 -25.23
C MET A 158 3.45 1.01 -25.30
N TRP A 159 4.52 0.50 -24.70
CA TRP A 159 5.81 1.20 -24.80
C TRP A 159 6.22 1.34 -26.26
N THR A 160 6.17 0.24 -27.01
CA THR A 160 6.55 0.30 -28.41
C THR A 160 5.68 1.29 -29.17
N TYR A 161 4.39 1.28 -28.90
CA TYR A 161 3.51 2.26 -29.49
C TYR A 161 3.92 3.67 -29.09
N MET A 162 4.11 3.89 -27.80
CA MET A 162 4.36 5.25 -27.31
C MET A 162 5.66 5.82 -27.87
N ARG A 163 6.73 5.03 -27.82
CA ARG A 163 8.03 5.51 -28.28
C ARG A 163 8.01 5.94 -29.76
N SER A 164 7.18 5.27 -30.57
CA SER A 164 7.19 5.52 -32.01
C SER A 164 6.02 6.37 -32.50
N ALA A 165 5.11 6.76 -31.62
CA ALA A 165 3.92 7.50 -32.03
C ALA A 165 4.25 8.94 -32.45
N GLU A 166 3.61 9.40 -33.52
CA GLU A 166 3.72 10.77 -33.97
C GLU A 166 2.32 11.36 -34.12
N PRO A 167 2.12 12.61 -33.67
CA PRO A 167 3.11 13.43 -32.96
C PRO A 167 3.35 12.85 -31.58
N SER A 168 4.39 13.32 -30.89
CA SER A 168 4.76 12.78 -29.59
C SER A 168 3.57 12.67 -28.64
N VAL A 169 3.45 11.52 -27.99
CA VAL A 169 2.41 11.30 -26.99
C VAL A 169 2.87 11.67 -25.58
N PHE A 170 4.14 12.04 -25.44
CA PHE A 170 4.69 12.38 -24.14
C PHE A 170 4.46 13.85 -23.80
N VAL A 171 4.53 14.18 -22.51
CA VAL A 171 4.37 15.57 -22.07
C VAL A 171 5.47 15.93 -21.07
N ARG A 172 5.73 17.22 -20.91
CA ARG A 172 6.83 17.68 -20.07
C ARG A 172 6.44 17.68 -18.59
N THR A 173 5.17 17.97 -18.32
CA THR A 173 4.67 18.09 -16.95
C THR A 173 3.30 17.43 -16.78
N THR A 174 2.94 17.20 -15.52
CA THR A 174 1.62 16.68 -15.17
C THR A 174 0.51 17.61 -15.64
N ALA A 175 0.67 18.90 -15.36
CA ALA A 175 -0.29 19.90 -15.78
C ALA A 175 -0.50 19.87 -17.31
N GLU A 176 0.59 19.67 -18.05
CA GLU A 176 0.49 19.58 -19.50
C GLU A 176 -0.30 18.33 -19.89
N GLY A 177 -0.01 17.23 -19.22
CA GLY A 177 -0.74 15.99 -19.44
C GLY A 177 -2.24 16.11 -19.21
N VAL A 178 -2.62 16.68 -18.07
CA VAL A 178 -4.04 16.92 -17.75
C VAL A 178 -4.70 17.86 -18.75
N ALA A 179 -4.02 18.95 -19.08
CA ALA A 179 -4.54 19.90 -20.05
C ALA A 179 -4.75 19.23 -21.40
N ARG A 180 -3.84 18.33 -21.76
CA ARG A 180 -3.94 17.62 -23.03
C ARG A 180 -5.15 16.70 -23.08
N VAL A 181 -5.38 15.94 -22.01
CA VAL A 181 -6.58 15.09 -21.92
C VAL A 181 -7.85 15.92 -22.09
N ARG A 182 -7.92 17.03 -21.36
CA ARG A 182 -9.11 17.86 -21.32
C ARG A 182 -9.41 18.55 -22.65
N LYS A 183 -8.36 18.95 -23.36
CA LYS A 183 -8.58 19.66 -24.61
C LYS A 183 -8.64 18.75 -25.83
N SER A 184 -8.43 17.45 -25.67
CA SER A 184 -8.28 16.57 -26.83
C SER A 184 -9.56 15.85 -27.30
N LYS A 185 -10.70 16.23 -26.73
CA LYS A 185 -11.99 15.71 -27.18
C LYS A 185 -12.06 14.18 -27.15
N GLY A 186 -11.40 13.57 -26.17
CA GLY A 186 -11.42 12.12 -26.04
C GLY A 186 -10.36 11.36 -26.82
N LYS A 187 -9.49 12.06 -27.53
CA LYS A 187 -8.48 11.37 -28.33
C LYS A 187 -7.09 11.32 -27.68
N TYR A 188 -7.01 11.65 -26.39
CA TYR A 188 -5.78 11.49 -25.62
C TYR A 188 -6.05 10.98 -24.20
N ALA A 189 -5.34 9.93 -23.81
CA ALA A 189 -5.40 9.39 -22.46
C ALA A 189 -4.03 9.55 -21.82
N TYR A 190 -3.98 9.77 -20.52
CA TYR A 190 -2.71 10.11 -19.86
C TYR A 190 -2.41 9.17 -18.70
N LEU A 191 -1.19 8.66 -18.67
CA LEU A 191 -0.79 7.72 -17.62
C LEU A 191 -0.06 8.48 -16.51
N LEU A 192 -0.62 8.45 -15.30
CA LEU A 192 -0.06 9.21 -14.19
C LEU A 192 -0.39 8.52 -12.87
N GLU A 193 0.13 9.07 -11.77
CA GLU A 193 -0.10 8.52 -10.45
C GLU A 193 -1.60 8.53 -10.14
N SER A 194 -2.10 7.40 -9.65
CA SER A 194 -3.52 7.23 -9.28
C SER A 194 -4.00 8.33 -8.34
N THR A 195 -3.14 8.72 -7.40
CA THR A 195 -3.46 9.77 -6.45
C THR A 195 -3.76 11.09 -7.14
N MET A 196 -2.95 11.45 -8.13
CA MET A 196 -3.19 12.68 -8.86
C MET A 196 -4.42 12.50 -9.74
N ASN A 197 -4.57 11.31 -10.30
CA ASN A 197 -5.74 11.02 -11.14
C ASN A 197 -7.03 11.22 -10.33
N GLU A 198 -7.07 10.63 -9.14
CA GLU A 198 -8.23 10.76 -8.24
C GLU A 198 -8.52 12.19 -7.82
N TYR A 199 -7.47 12.96 -7.57
CA TYR A 199 -7.59 14.37 -7.23
C TYR A 199 -8.24 15.17 -8.37
N ILE A 200 -7.64 15.12 -9.56
CA ILE A 200 -8.16 15.83 -10.74
C ILE A 200 -9.63 15.49 -11.08
N GLU A 201 -10.01 14.24 -10.86
CA GLU A 201 -11.42 13.87 -11.07
C GLU A 201 -12.37 14.65 -10.17
N GLN A 202 -11.85 15.18 -9.06
CA GLN A 202 -12.69 15.97 -8.15
C GLN A 202 -12.44 17.47 -8.27
N ARG A 203 -11.91 17.89 -9.42
CA ARG A 203 -11.68 19.32 -9.67
C ARG A 203 -12.50 19.78 -10.87
N LYS A 204 -13.00 21.01 -10.80
CA LYS A 204 -13.70 21.63 -11.93
C LYS A 204 -12.77 21.63 -13.14
N PRO A 205 -13.33 21.42 -14.35
CA PRO A 205 -14.77 21.30 -14.61
C PRO A 205 -15.30 19.87 -14.56
N CYS A 206 -14.69 18.98 -13.78
CA CYS A 206 -15.22 17.63 -13.60
C CYS A 206 -15.40 16.91 -14.93
N ASP A 207 -14.37 16.98 -15.77
CA ASP A 207 -14.43 16.43 -17.10
C ASP A 207 -13.44 15.29 -17.34
N THR A 208 -12.79 14.82 -16.29
CA THR A 208 -11.88 13.68 -16.40
C THR A 208 -12.28 12.56 -15.43
N MET A 209 -11.81 11.34 -15.69
CA MET A 209 -12.04 10.22 -14.78
C MET A 209 -10.86 9.27 -14.79
N LYS A 210 -10.68 8.57 -13.68
CA LYS A 210 -9.73 7.46 -13.62
C LYS A 210 -10.44 6.22 -14.08
N VAL A 211 -9.80 5.42 -14.93
CA VAL A 211 -10.39 4.16 -15.36
C VAL A 211 -9.39 3.02 -15.22
N GLY A 212 -9.91 1.82 -14.91
CA GLY A 212 -9.06 0.65 -14.78
C GLY A 212 -8.34 0.54 -13.44
N GLY A 213 -7.74 -0.61 -13.21
CA GLY A 213 -6.96 -0.84 -12.01
C GLY A 213 -5.62 -0.17 -12.19
N ASN A 214 -4.89 0.01 -11.10
CA ASN A 214 -3.53 0.48 -11.22
C ASN A 214 -2.65 -0.58 -11.90
N LEU A 215 -1.63 -0.12 -12.62
CA LEU A 215 -0.74 -1.00 -13.38
C LEU A 215 0.43 -1.49 -12.51
N ASP A 216 0.67 -0.79 -11.41
CA ASP A 216 1.63 -1.26 -10.40
C ASP A 216 1.23 -0.75 -9.02
N SER A 217 2.08 -0.99 -8.02
CA SER A 217 1.81 -0.53 -6.68
C SER A 217 3.07 0.05 -6.06
N LYS A 218 2.89 1.15 -5.34
CA LYS A 218 3.97 1.72 -4.56
C LYS A 218 3.36 2.59 -3.48
N GLY A 219 4.21 3.30 -2.74
CA GLY A 219 3.74 4.20 -1.71
C GLY A 219 4.61 5.41 -1.54
N TYR A 220 4.02 6.48 -1.01
CA TYR A 220 4.78 7.66 -0.61
C TYR A 220 5.32 7.40 0.79
N GLY A 221 6.55 7.80 1.04
CA GLY A 221 7.13 7.64 2.37
C GLY A 221 7.73 8.93 2.91
N ILE A 222 7.79 9.05 4.23
CA ILE A 222 8.47 10.18 4.84
C ILE A 222 9.98 9.88 4.81
N ALA A 223 10.77 10.79 4.28
CA ALA A 223 12.20 10.50 4.12
C ALA A 223 13.07 11.29 5.08
N THR A 224 14.14 10.66 5.54
CA THR A 224 15.12 11.31 6.39
C THR A 224 16.50 10.92 5.86
N PRO A 225 17.55 11.70 6.21
CA PRO A 225 18.89 11.28 5.79
C PRO A 225 19.28 9.98 6.47
N LYS A 226 20.00 9.13 5.75
CA LYS A 226 20.42 7.84 6.28
C LYS A 226 21.04 7.98 7.67
N GLY A 227 20.55 7.18 8.61
CA GLY A 227 21.11 7.18 9.95
C GLY A 227 20.60 8.28 10.85
N SER A 228 19.68 9.10 10.35
CA SER A 228 19.12 10.19 11.16
C SER A 228 18.39 9.64 12.37
N SER A 229 18.54 10.31 13.51
CA SER A 229 17.88 9.86 14.73
C SER A 229 16.37 10.08 14.67
N LEU A 230 15.93 10.88 13.71
CA LEU A 230 14.51 11.14 13.52
C LEU A 230 13.75 9.97 12.91
N GLY A 231 14.47 9.13 12.17
CA GLY A 231 13.82 8.07 11.39
C GLY A 231 12.90 7.15 12.18
N ASN A 232 13.38 6.69 13.34
CA ASN A 232 12.63 5.75 14.16
C ASN A 232 11.29 6.29 14.64
N ALA A 233 11.30 7.48 15.23
CA ALA A 233 10.07 8.07 15.76
C ALA A 233 9.10 8.45 14.65
N VAL A 234 9.63 8.99 13.56
CA VAL A 234 8.79 9.37 12.43
C VAL A 234 8.03 8.16 11.87
N ASN A 235 8.74 7.05 11.71
CA ASN A 235 8.11 5.84 11.20
C ASN A 235 6.99 5.33 12.14
N LEU A 236 7.28 5.30 13.44
CA LEU A 236 6.28 4.92 14.42
C LEU A 236 5.06 5.84 14.32
N ALA A 237 5.32 7.13 14.12
CA ALA A 237 4.25 8.12 13.96
C ALA A 237 3.35 7.77 12.77
N VAL A 238 3.95 7.50 11.62
CA VAL A 238 3.18 7.16 10.41
C VAL A 238 2.25 5.97 10.69
N LEU A 239 2.81 4.93 11.32
CA LEU A 239 2.02 3.74 11.66
C LEU A 239 0.86 4.02 12.62
N LYS A 240 1.10 4.88 13.61
CA LYS A 240 0.04 5.17 14.58
C LYS A 240 -1.08 5.97 13.91
N LEU A 241 -0.69 6.91 13.06
CA LEU A 241 -1.64 7.74 12.34
C LEU A 241 -2.50 6.93 11.39
N ASN A 242 -1.90 5.94 10.74
CA ASN A 242 -2.67 5.06 9.88
C ASN A 242 -3.67 4.25 10.71
N GLU A 243 -3.18 3.61 11.77
CA GLU A 243 -4.02 2.74 12.57
C GLU A 243 -5.12 3.51 13.31
N GLN A 244 -4.88 4.79 13.59
CA GLN A 244 -5.91 5.62 14.23
C GLN A 244 -6.92 6.21 13.25
N GLY A 245 -6.72 5.95 11.96
CA GLY A 245 -7.64 6.43 10.95
C GLY A 245 -7.33 7.83 10.43
N LEU A 246 -6.31 8.48 10.97
CA LEU A 246 -6.00 9.86 10.59
C LEU A 246 -5.56 10.03 9.13
N LEU A 247 -4.75 9.11 8.62
CA LEU A 247 -4.28 9.23 7.25
C LEU A 247 -5.47 9.14 6.29
N ASP A 248 -6.40 8.24 6.57
CA ASP A 248 -7.62 8.14 5.77
C ASP A 248 -8.45 9.42 5.87
N LYS A 249 -8.52 9.98 7.06
CA LYS A 249 -9.27 11.21 7.29
C LYS A 249 -8.68 12.36 6.46
N LEU A 250 -7.35 12.46 6.41
CA LEU A 250 -6.70 13.55 5.67
C LEU A 250 -6.90 13.37 4.17
N LYS A 251 -6.76 12.14 3.69
CA LYS A 251 -7.03 11.84 2.29
C LYS A 251 -8.47 12.25 1.91
N ASN A 252 -9.45 11.76 2.67
CA ASN A 252 -10.83 12.11 2.37
C ASN A 252 -11.09 13.61 2.42
N LYS A 253 -10.43 14.29 3.35
CA LYS A 253 -10.61 15.71 3.52
C LYS A 253 -10.18 16.48 2.26
N TRP A 254 -8.95 16.24 1.82
CA TRP A 254 -8.36 17.02 0.75
C TRP A 254 -8.78 16.60 -0.66
N TRP A 255 -9.13 15.32 -0.83
CA TRP A 255 -9.59 14.83 -2.14
C TRP A 255 -11.10 14.99 -2.30
N TYR A 256 -11.86 14.72 -1.23
CA TYR A 256 -13.31 14.58 -1.37
C TYR A 256 -14.18 15.63 -0.68
N ASP A 257 -13.95 15.88 0.61
CA ASP A 257 -14.70 16.95 1.29
C ASP A 257 -14.48 18.29 0.59
N LYS A 258 -13.26 18.51 0.10
CA LYS A 258 -12.95 19.75 -0.60
C LYS A 258 -13.02 19.58 -2.11
N GLY A 259 -13.52 18.43 -2.54
CA GLY A 259 -13.74 18.18 -3.96
C GLY A 259 -14.81 19.08 -4.54
N GLU A 260 -14.75 19.29 -5.85
CA GLU A 260 -15.65 20.22 -6.52
C GLU A 260 -16.65 19.55 -7.44
N CYS A 261 -16.64 18.22 -7.49
CA CYS A 261 -17.53 17.52 -8.40
C CYS A 261 -18.57 16.70 -7.65
N GLY A 262 -18.52 16.79 -6.33
CA GLY A 262 -19.51 16.16 -5.48
C GLY A 262 -19.41 14.64 -5.40
N SER A 263 -20.39 14.04 -4.75
CA SER A 263 -20.40 12.60 -4.54
C SER A 263 -20.71 11.81 -5.82
N LYS B 4 26.26 -19.18 8.50
CA LYS B 4 25.23 -19.87 9.27
C LYS B 4 23.92 -19.90 8.50
N THR B 5 23.19 -21.01 8.61
CA THR B 5 21.90 -21.13 7.94
C THR B 5 20.84 -20.27 8.61
N VAL B 6 20.17 -19.46 7.81
CA VAL B 6 19.16 -18.56 8.31
C VAL B 6 17.89 -19.36 8.67
N VAL B 7 17.36 -19.15 9.86
CA VAL B 7 16.12 -19.82 10.23
C VAL B 7 14.92 -18.93 9.89
N VAL B 8 14.09 -19.37 8.94
CA VAL B 8 12.89 -18.63 8.56
C VAL B 8 11.67 -19.20 9.30
N THR B 9 10.90 -18.33 9.94
CA THR B 9 9.65 -18.77 10.54
C THR B 9 8.51 -18.27 9.67
N THR B 10 7.50 -19.11 9.48
CA THR B 10 6.39 -18.72 8.62
C THR B 10 5.18 -19.46 9.14
N ILE B 11 4.06 -19.37 8.43
CA ILE B 11 2.85 -19.97 8.98
C ILE B 11 2.11 -20.76 7.91
N LEU B 12 1.50 -21.87 8.33
CA LEU B 12 0.81 -22.76 7.42
C LEU B 12 -0.58 -22.20 7.15
N GLU B 13 -0.69 -21.49 6.05
CA GLU B 13 -1.93 -20.80 5.69
C GLU B 13 -1.90 -20.63 4.18
N SER B 14 -2.88 -21.21 3.49
CA SER B 14 -2.98 -21.09 2.04
C SER B 14 -3.41 -19.69 1.64
N PRO B 15 -2.82 -19.14 0.57
CA PRO B 15 -1.87 -19.83 -0.31
C PRO B 15 -0.42 -19.43 -0.01
N TYR B 16 -0.16 -18.96 1.20
CA TYR B 16 1.16 -18.48 1.56
C TYR B 16 2.15 -19.63 1.71
N VAL B 17 1.76 -20.62 2.51
CA VAL B 17 2.60 -21.79 2.73
C VAL B 17 1.68 -23.01 2.85
N MET B 18 1.86 -23.97 1.95
N MET B 18 1.92 -24.00 2.00
CA MET B 18 1.18 -25.25 2.07
CA MET B 18 1.14 -25.22 1.96
C MET B 18 2.23 -26.33 2.05
C MET B 18 2.08 -26.41 1.76
N MET B 19 1.81 -27.53 2.43
CA MET B 19 2.63 -28.70 2.26
C MET B 19 2.20 -29.36 0.95
N LYS B 20 3.16 -29.62 0.07
CA LYS B 20 2.86 -30.23 -1.24
C LYS B 20 2.10 -31.53 -1.05
N LYS B 21 1.34 -31.92 -2.07
CA LYS B 21 0.60 -33.18 -2.01
C LYS B 21 1.54 -34.38 -1.89
N ASN B 22 2.71 -34.25 -2.50
CA ASN B 22 3.72 -35.29 -2.46
C ASN B 22 4.77 -35.06 -1.38
N HIS B 23 4.44 -34.24 -0.39
CA HIS B 23 5.40 -33.78 0.62
C HIS B 23 6.12 -34.91 1.35
N GLU B 24 5.45 -36.05 1.50
CA GLU B 24 6.09 -37.20 2.16
C GLU B 24 7.23 -37.79 1.33
N MET B 25 7.38 -37.32 0.09
CA MET B 25 8.44 -37.80 -0.79
C MET B 25 9.65 -36.85 -0.79
N LEU B 26 9.50 -35.73 -0.11
CA LEU B 26 10.48 -34.65 -0.18
C LEU B 26 11.09 -34.35 1.17
N GLU B 27 12.06 -33.44 1.19
CA GLU B 27 12.78 -33.11 2.41
C GLU B 27 12.97 -31.62 2.60
N GLY B 28 13.04 -31.20 3.86
CA GLY B 28 13.41 -29.84 4.20
C GLY B 28 12.49 -28.82 3.58
N ASN B 29 13.08 -27.78 2.99
CA ASN B 29 12.34 -26.70 2.35
C ASN B 29 11.44 -27.16 1.22
N GLU B 30 11.84 -28.25 0.57
CA GLU B 30 11.13 -28.76 -0.59
C GLU B 30 9.78 -29.43 -0.28
N ARG B 31 9.46 -29.60 1.01
CA ARG B 31 8.16 -30.11 1.43
C ARG B 31 7.02 -29.12 1.20
N TYR B 32 7.37 -27.84 1.09
CA TYR B 32 6.38 -26.77 1.11
C TYR B 32 6.28 -26.04 -0.23
N GLU B 33 5.16 -25.34 -0.43
CA GLU B 33 4.98 -24.49 -1.61
C GLU B 33 4.05 -23.33 -1.26
N GLY B 34 4.05 -22.32 -2.11
CA GLY B 34 3.14 -21.21 -1.95
C GLY B 34 3.79 -19.86 -2.20
N TYR B 35 2.98 -18.81 -2.04
CA TYR B 35 3.44 -17.44 -2.22
C TYR B 35 4.69 -17.13 -1.37
N CYS B 36 4.63 -17.44 -0.08
CA CYS B 36 5.71 -17.07 0.83
C CYS B 36 6.90 -17.98 0.66
N VAL B 37 6.65 -19.20 0.18
CA VAL B 37 7.74 -20.11 -0.18
C VAL B 37 8.52 -19.56 -1.39
N ASP B 38 7.81 -19.16 -2.43
CA ASP B 38 8.48 -18.50 -3.56
C ASP B 38 9.21 -17.21 -3.15
N LEU B 39 8.57 -16.40 -2.30
CA LEU B 39 9.15 -15.12 -1.90
C LEU B 39 10.42 -15.33 -1.07
N ALA B 40 10.37 -16.29 -0.15
CA ALA B 40 11.53 -16.64 0.64
C ALA B 40 12.70 -16.99 -0.28
N ALA B 41 12.42 -17.77 -1.31
CA ALA B 41 13.45 -18.11 -2.30
C ALA B 41 14.04 -16.88 -3.00
N GLU B 42 13.19 -15.96 -3.42
CA GLU B 42 13.67 -14.74 -4.05
C GLU B 42 14.43 -13.85 -3.07
N ILE B 43 13.96 -13.75 -1.84
CA ILE B 43 14.63 -12.91 -0.86
C ILE B 43 16.03 -13.43 -0.59
N ALA B 44 16.15 -14.74 -0.45
CA ALA B 44 17.43 -15.38 -0.16
C ALA B 44 18.39 -15.28 -1.33
N LYS B 45 17.84 -15.46 -2.54
CA LYS B 45 18.66 -15.40 -3.74
C LYS B 45 19.24 -14.00 -3.89
N HIS B 46 18.39 -13.00 -3.64
CA HIS B 46 18.83 -11.61 -3.79
CA HIS B 46 18.83 -11.61 -3.79
C HIS B 46 19.73 -11.14 -2.65
N CYS B 47 19.61 -11.76 -1.48
CA CYS B 47 20.45 -11.39 -0.33
C CYS B 47 21.64 -12.33 -0.14
N GLY B 48 21.61 -13.45 -0.83
CA GLY B 48 22.73 -14.37 -0.83
C GLY B 48 22.85 -15.22 0.41
N PHE B 49 21.74 -15.66 0.98
CA PHE B 49 21.81 -16.57 2.13
C PHE B 49 21.13 -17.92 1.91
N LYS B 50 21.61 -18.92 2.64
CA LYS B 50 20.96 -20.22 2.69
C LYS B 50 19.97 -20.21 3.85
N TYR B 51 18.89 -20.96 3.73
CA TYR B 51 17.85 -20.87 4.73
C TYR B 51 17.10 -22.19 4.95
N LYS B 52 16.52 -22.32 6.13
CA LYS B 52 15.66 -23.45 6.45
C LYS B 52 14.27 -22.92 6.80
N LEU B 53 13.25 -23.42 6.12
CA LEU B 53 11.88 -23.01 6.40
C LEU B 53 11.33 -23.79 7.58
N THR B 54 10.79 -23.07 8.56
CA THR B 54 10.19 -23.69 9.72
C THR B 54 8.84 -23.04 9.99
N ILE B 55 7.92 -23.82 10.56
CA ILE B 55 6.58 -23.32 10.82
C ILE B 55 6.48 -22.89 12.28
N VAL B 56 5.98 -21.68 12.48
CA VAL B 56 5.90 -21.07 13.79
C VAL B 56 5.27 -22.05 14.79
N GLY B 57 5.97 -22.25 15.90
CA GLY B 57 5.60 -23.29 16.85
C GLY B 57 4.19 -23.19 17.38
N ASP B 58 3.75 -21.97 17.68
CA ASP B 58 2.47 -21.81 18.35
C ASP B 58 1.36 -21.43 17.39
N GLY B 59 1.69 -21.47 16.10
CA GLY B 59 0.74 -21.17 15.05
C GLY B 59 0.22 -19.74 15.06
N LYS B 60 0.85 -18.86 15.83
CA LYS B 60 0.36 -17.49 15.94
C LYS B 60 1.20 -16.49 15.15
N TYR B 61 0.67 -15.27 14.99
CA TYR B 61 1.36 -14.23 14.22
C TYR B 61 2.29 -13.38 15.07
N GLY B 62 1.77 -12.86 16.18
CA GLY B 62 2.60 -12.05 17.06
C GLY B 62 1.83 -11.02 17.85
N ALA B 63 1.60 -11.32 19.13
CA ALA B 63 0.85 -10.45 20.03
C ALA B 63 1.53 -10.44 21.39
N ARG B 64 1.49 -9.31 22.08
CA ARG B 64 2.08 -9.21 23.41
C ARG B 64 0.99 -9.36 24.45
N ASP B 65 1.09 -10.43 25.24
CA ASP B 65 0.12 -10.69 26.31
C ASP B 65 0.10 -9.54 27.29
N ALA B 66 -1.06 -8.90 27.41
CA ALA B 66 -1.24 -7.72 28.25
C ALA B 66 -0.82 -7.91 29.72
N ASP B 67 -0.89 -9.15 30.21
CA ASP B 67 -0.56 -9.45 31.60
C ASP B 67 0.90 -9.88 31.82
N THR B 68 1.36 -10.84 31.03
CA THR B 68 2.70 -11.42 31.19
C THR B 68 3.75 -10.65 30.41
N LYS B 69 3.29 -9.78 29.51
CA LYS B 69 4.16 -9.00 28.61
C LYS B 69 4.88 -9.85 27.56
N ILE B 70 4.51 -11.13 27.45
CA ILE B 70 5.22 -12.07 26.58
C ILE B 70 4.68 -12.06 25.15
N TRP B 71 5.58 -12.06 24.18
CA TRP B 71 5.23 -12.13 22.75
C TRP B 71 5.05 -13.57 22.26
N ASN B 72 3.93 -13.85 21.60
CA ASN B 72 3.73 -15.15 20.98
C ASN B 72 4.03 -15.09 19.48
N GLY B 73 3.77 -16.20 18.80
CA GLY B 73 3.80 -16.22 17.35
C GLY B 73 5.17 -15.96 16.76
N MET B 74 5.21 -15.62 15.49
CA MET B 74 6.46 -15.36 14.79
C MET B 74 7.25 -14.22 15.40
N VAL B 75 6.56 -13.15 15.81
CA VAL B 75 7.27 -12.05 16.45
C VAL B 75 8.00 -12.53 17.70
N GLY B 76 7.30 -13.31 18.52
CA GLY B 76 7.90 -13.91 19.69
C GLY B 76 9.12 -14.75 19.33
N GLU B 77 9.04 -15.48 18.23
CA GLU B 77 10.14 -16.33 17.81
C GLU B 77 11.36 -15.50 17.39
N LEU B 78 11.11 -14.29 16.89
CA LEU B 78 12.21 -13.39 16.58
C LEU B 78 12.80 -12.79 17.85
N VAL B 79 11.96 -12.21 18.71
CA VAL B 79 12.49 -11.47 19.86
C VAL B 79 13.15 -12.36 20.92
N TYR B 80 12.76 -13.63 20.96
CA TYR B 80 13.37 -14.60 21.89
C TYR B 80 14.32 -15.53 21.17
N GLY B 81 14.63 -15.22 19.92
CA GLY B 81 15.78 -15.81 19.24
C GLY B 81 15.63 -17.23 18.75
N LYS B 82 14.40 -17.64 18.42
CA LYS B 82 14.14 -18.97 17.89
C LYS B 82 14.25 -18.99 16.36
N ALA B 83 14.17 -17.82 15.73
CA ALA B 83 14.27 -17.68 14.29
C ALA B 83 14.84 -16.34 13.89
N ASP B 84 15.38 -16.26 12.67
CA ASP B 84 16.14 -15.10 12.21
C ASP B 84 15.32 -14.12 11.38
N ILE B 85 14.21 -14.59 10.83
CA ILE B 85 13.44 -13.82 9.87
C ILE B 85 12.06 -14.46 9.70
N ALA B 86 11.03 -13.63 9.64
CA ALA B 86 9.67 -14.10 9.43
C ALA B 86 9.21 -13.63 8.05
N ILE B 87 8.76 -14.58 7.23
CA ILE B 87 8.25 -14.29 5.89
C ILE B 87 6.89 -14.92 5.81
N ALA B 88 5.86 -14.07 5.92
CA ALA B 88 4.50 -14.52 6.19
C ALA B 88 3.54 -13.35 6.00
N PRO B 89 2.23 -13.62 5.91
CA PRO B 89 1.26 -12.52 5.84
C PRO B 89 1.15 -11.84 7.21
N LEU B 90 2.22 -11.16 7.57
CA LEU B 90 2.35 -10.55 8.88
C LEU B 90 2.21 -9.04 8.70
N THR B 91 1.15 -8.48 9.27
CA THR B 91 0.87 -7.07 9.09
C THR B 91 1.86 -6.19 9.84
N ILE B 92 2.33 -5.16 9.14
CA ILE B 92 3.17 -4.12 9.71
C ILE B 92 2.34 -3.26 10.64
N THR B 93 2.55 -3.45 11.94
CA THR B 93 1.83 -2.69 12.94
C THR B 93 2.77 -2.00 13.92
N LEU B 94 2.28 -0.92 14.52
CA LEU B 94 3.06 -0.11 15.46
C LEU B 94 3.66 -0.94 16.58
N VAL B 95 2.84 -1.69 17.32
CA VAL B 95 3.35 -2.48 18.44
C VAL B 95 4.40 -3.51 18.01
N ARG B 96 4.26 -4.04 16.80
CA ARG B 96 5.26 -4.97 16.28
C ARG B 96 6.53 -4.25 15.83
N GLU B 97 6.37 -3.11 15.15
CA GLU B 97 7.50 -2.33 14.65
C GLU B 97 8.42 -1.87 15.78
N GLU B 98 7.86 -1.79 16.97
CA GLU B 98 8.59 -1.35 18.15
C GLU B 98 9.59 -2.36 18.66
N VAL B 99 9.34 -3.64 18.38
CA VAL B 99 10.20 -4.69 18.90
C VAL B 99 11.02 -5.41 17.82
N ILE B 100 10.58 -5.32 16.57
CA ILE B 100 11.32 -5.87 15.44
CA ILE B 100 11.35 -5.86 15.45
C ILE B 100 11.41 -4.87 14.28
N ASP B 101 12.14 -5.23 13.23
CA ASP B 101 12.25 -4.40 12.03
C ASP B 101 11.38 -5.01 10.95
N PHE B 102 10.71 -4.17 10.17
CA PHE B 102 9.91 -4.64 9.05
C PHE B 102 10.53 -4.11 7.76
N SER B 103 10.54 -4.93 6.72
CA SER B 103 10.76 -4.41 5.39
C SER B 103 9.60 -3.48 5.03
N LYS B 104 9.77 -2.71 3.96
CA LYS B 104 8.64 -2.05 3.34
C LYS B 104 7.66 -3.15 2.91
N PRO B 105 6.38 -2.80 2.74
CA PRO B 105 5.41 -3.89 2.49
C PRO B 105 5.61 -4.63 1.17
N PHE B 106 5.41 -5.94 1.17
CA PHE B 106 5.44 -6.69 -0.08
C PHE B 106 4.05 -6.97 -0.64
N MET B 107 3.04 -6.70 0.16
CA MET B 107 1.65 -6.83 -0.31
C MET B 107 0.77 -5.85 0.44
N SER B 108 -0.19 -5.22 -0.26
CA SER B 108 -1.13 -4.30 0.36
C SER B 108 -2.49 -4.97 0.61
N LEU B 109 -3.19 -4.52 1.65
CA LEU B 109 -4.49 -5.13 1.98
C LEU B 109 -5.31 -4.22 2.89
N GLY B 110 -6.53 -4.65 3.20
CA GLY B 110 -7.39 -3.92 4.11
C GLY B 110 -8.58 -4.77 4.54
N ILE B 111 -9.29 -4.28 5.56
CA ILE B 111 -10.52 -4.92 6.02
C ILE B 111 -11.48 -4.92 4.84
N SER B 112 -12.20 -6.01 4.64
CA SER B 112 -13.10 -6.13 3.50
C SER B 112 -14.29 -7.01 3.86
N ILE B 113 -15.31 -6.99 3.00
CA ILE B 113 -16.56 -7.72 3.24
C ILE B 113 -16.67 -8.95 2.34
N MET B 114 -16.86 -10.11 2.97
CA MET B 114 -17.15 -11.34 2.27
C MET B 114 -18.63 -11.66 2.40
N ILE B 115 -19.30 -11.90 1.27
CA ILE B 115 -20.69 -12.36 1.30
C ILE B 115 -20.81 -13.70 0.59
N LYS B 116 -21.92 -14.39 0.82
CA LYS B 116 -22.24 -15.54 0.01
C LYS B 116 -22.88 -14.97 -1.24
N LYS B 117 -22.51 -15.48 -2.41
CA LYS B 117 -23.04 -14.95 -3.67
C LYS B 117 -24.57 -14.94 -3.62
N GLY B 118 -25.17 -13.85 -4.10
CA GLY B 118 -26.61 -13.67 -4.00
C GLY B 118 -27.04 -12.63 -2.98
N THR B 119 -26.25 -12.47 -1.92
CA THR B 119 -26.60 -11.53 -0.85
C THR B 119 -26.72 -10.11 -1.37
N PRO B 120 -27.84 -9.44 -1.06
CA PRO B 120 -28.06 -8.08 -1.57
C PRO B 120 -27.26 -7.03 -0.77
N ILE B 121 -25.94 -7.18 -0.76
CA ILE B 121 -25.04 -6.26 -0.07
C ILE B 121 -23.88 -5.93 -0.99
N GLU B 122 -23.59 -4.64 -1.17
CA GLU B 122 -22.52 -4.22 -2.08
C GLU B 122 -21.44 -3.37 -1.40
N SER B 123 -21.62 -3.09 -0.11
CA SER B 123 -20.74 -2.15 0.59
C SER B 123 -20.96 -2.17 2.09
N ALA B 124 -20.09 -1.47 2.82
CA ALA B 124 -20.23 -1.32 4.25
C ALA B 124 -21.45 -0.50 4.61
N GLU B 125 -21.72 0.56 3.84
CA GLU B 125 -22.90 1.36 4.12
C GLU B 125 -24.15 0.48 4.07
N ASP B 126 -24.22 -0.42 3.08
CA ASP B 126 -25.32 -1.37 2.94
C ASP B 126 -25.51 -2.21 4.22
N LEU B 127 -24.42 -2.75 4.73
CA LEU B 127 -24.46 -3.54 5.95
C LEU B 127 -24.96 -2.70 7.11
N SER B 128 -24.39 -1.51 7.26
CA SER B 128 -24.67 -0.64 8.41
C SER B 128 -26.15 -0.28 8.59
N LYS B 129 -26.88 -0.16 7.49
CA LYS B 129 -28.24 0.36 7.57
C LYS B 129 -29.31 -0.73 7.72
N GLN B 130 -28.88 -1.96 7.92
CA GLN B 130 -29.84 -3.06 8.09
C GLN B 130 -29.38 -4.02 9.17
N THR B 131 -30.24 -4.97 9.53
CA THR B 131 -29.95 -5.93 10.58
C THR B 131 -30.35 -7.35 10.18
N GLU B 132 -31.04 -7.48 9.05
CA GLU B 132 -31.51 -8.79 8.61
C GLU B 132 -30.35 -9.69 8.19
N ILE B 133 -29.41 -9.13 7.45
CA ILE B 133 -28.19 -9.84 7.14
C ILE B 133 -27.22 -9.55 8.29
N ALA B 134 -26.96 -10.54 9.13
CA ALA B 134 -26.01 -10.34 10.23
C ALA B 134 -24.59 -10.25 9.69
N TYR B 135 -23.74 -9.54 10.41
CA TYR B 135 -22.35 -9.39 9.99
C TYR B 135 -21.44 -9.18 11.19
N GLY B 136 -20.22 -9.67 11.08
CA GLY B 136 -19.32 -9.66 12.22
C GLY B 136 -17.89 -9.94 11.86
N THR B 137 -17.08 -10.13 12.90
CA THR B 137 -15.64 -10.23 12.73
C THR B 137 -15.10 -11.29 13.69
N LEU B 138 -13.78 -11.48 13.68
CA LEU B 138 -13.12 -12.31 14.70
C LEU B 138 -13.44 -11.80 16.10
N ASP B 139 -13.60 -12.68 17.08
CA ASP B 139 -14.04 -12.23 18.43
C ASP B 139 -12.97 -11.44 19.20
N SER B 140 -11.78 -11.35 18.62
CA SER B 140 -10.74 -10.48 19.15
C SER B 140 -9.68 -10.26 18.08
N GLY B 141 -8.93 -9.16 18.20
CA GLY B 141 -7.94 -8.84 17.18
C GLY B 141 -8.12 -7.45 16.63
N SER B 142 -7.24 -7.08 15.69
CA SER B 142 -7.20 -5.71 15.21
C SER B 142 -8.45 -5.29 14.45
N THR B 143 -9.06 -6.21 13.69
CA THR B 143 -10.25 -5.86 12.92
C THR B 143 -11.39 -5.48 13.85
N LYS B 144 -11.62 -6.29 14.87
CA LYS B 144 -12.62 -5.98 15.90
C LYS B 144 -12.34 -4.63 16.53
N GLU B 145 -11.07 -4.39 16.86
CA GLU B 145 -10.65 -3.13 17.47
C GLU B 145 -10.78 -1.95 16.53
N PHE B 146 -10.60 -2.17 15.22
CA PHE B 146 -10.79 -1.11 14.24
C PHE B 146 -12.19 -0.54 14.39
N PHE B 147 -13.17 -1.44 14.51
CA PHE B 147 -14.55 -1.02 14.60
C PHE B 147 -14.82 -0.33 15.93
N ARG B 148 -14.27 -0.89 17.00
CA ARG B 148 -14.50 -0.36 18.35
C ARG B 148 -14.06 1.10 18.46
N ARG B 149 -12.97 1.44 17.79
CA ARG B 149 -12.37 2.78 17.91
C ARG B 149 -12.74 3.73 16.77
N SER B 150 -13.49 3.25 15.79
CA SER B 150 -13.78 4.10 14.63
C SER B 150 -14.68 5.27 14.98
N LYS B 151 -14.39 6.43 14.38
CA LYS B 151 -15.23 7.59 14.52
C LYS B 151 -16.02 7.86 13.26
N ILE B 152 -15.81 7.03 12.24
CA ILE B 152 -16.58 7.17 11.00
C ILE B 152 -18.00 6.69 11.25
N ALA B 153 -18.99 7.43 10.75
CA ALA B 153 -20.39 7.13 11.03
C ALA B 153 -20.79 5.69 10.66
N VAL B 154 -20.48 5.28 9.43
CA VAL B 154 -20.84 3.95 8.96
C VAL B 154 -20.21 2.86 9.82
N PHE B 155 -18.92 2.98 10.09
CA PHE B 155 -18.21 1.95 10.85
C PHE B 155 -18.62 1.91 12.31
N ASP B 156 -18.85 3.08 12.89
CA ASP B 156 -19.34 3.17 14.28
C ASP B 156 -20.71 2.51 14.44
N LYS B 157 -21.58 2.71 13.45
CA LYS B 157 -22.92 2.13 13.46
C LYS B 157 -22.83 0.61 13.35
N MET B 158 -21.93 0.15 12.49
CA MET B 158 -21.63 -1.26 12.36
C MET B 158 -21.11 -1.83 13.67
N TRP B 159 -20.27 -1.06 14.36
CA TRP B 159 -19.70 -1.55 15.61
C TRP B 159 -20.77 -1.70 16.68
N THR B 160 -21.60 -0.68 16.86
CA THR B 160 -22.61 -0.76 17.91
C THR B 160 -23.60 -1.89 17.62
N TYR B 161 -23.89 -2.09 16.34
CA TYR B 161 -24.69 -3.24 15.95
C TYR B 161 -24.03 -4.55 16.39
N MET B 162 -22.75 -4.71 16.07
CA MET B 162 -22.05 -5.97 16.29
C MET B 162 -21.93 -6.36 17.76
N ARG B 163 -21.56 -5.39 18.59
CA ARG B 163 -21.38 -5.65 20.01
C ARG B 163 -22.68 -6.11 20.69
N SER B 164 -23.82 -5.59 20.24
CA SER B 164 -25.11 -5.85 20.90
C SER B 164 -25.94 -6.94 20.25
N ALA B 165 -25.54 -7.37 19.07
CA ALA B 165 -26.30 -8.32 18.27
C ALA B 165 -26.38 -9.67 18.96
N GLU B 166 -27.56 -10.28 18.88
CA GLU B 166 -27.77 -11.64 19.42
C GLU B 166 -28.44 -12.52 18.36
N PRO B 167 -27.96 -13.77 18.19
CA PRO B 167 -26.80 -14.32 18.89
C PRO B 167 -25.51 -13.71 18.34
N SER B 168 -24.38 -14.05 18.96
CA SER B 168 -23.12 -13.39 18.65
C SER B 168 -22.79 -13.43 17.15
N VAL B 169 -22.31 -12.31 16.64
CA VAL B 169 -21.92 -12.22 15.24
C VAL B 169 -20.42 -12.42 15.09
N PHE B 170 -19.76 -12.69 16.22
CA PHE B 170 -18.32 -12.90 16.23
C PHE B 170 -17.95 -14.36 16.08
N VAL B 171 -16.80 -14.62 15.45
CA VAL B 171 -16.34 -15.99 15.25
C VAL B 171 -14.97 -16.15 15.89
N ARG B 172 -14.54 -17.39 16.10
CA ARG B 172 -13.29 -17.69 16.80
C ARG B 172 -12.10 -17.65 15.86
N THR B 173 -12.30 -18.10 14.63
CA THR B 173 -11.22 -18.15 13.63
C THR B 173 -11.76 -17.68 12.30
N THR B 174 -10.85 -17.28 11.42
CA THR B 174 -11.23 -16.86 10.07
CA THR B 174 -11.27 -16.85 10.08
C THR B 174 -11.88 -18.02 9.32
N ALA B 175 -11.38 -19.24 9.54
CA ALA B 175 -11.96 -20.41 8.90
C ALA B 175 -13.43 -20.55 9.27
N GLU B 176 -13.72 -20.35 10.55
CA GLU B 176 -15.10 -20.38 11.05
C GLU B 176 -15.95 -19.27 10.43
N GLY B 177 -15.35 -18.09 10.28
CA GLY B 177 -16.04 -16.97 9.65
C GLY B 177 -16.44 -17.26 8.21
N VAL B 178 -15.50 -17.78 7.43
CA VAL B 178 -15.75 -18.15 6.04
C VAL B 178 -16.82 -19.23 5.95
N ALA B 179 -16.71 -20.22 6.84
CA ALA B 179 -17.69 -21.32 6.86
C ALA B 179 -19.08 -20.79 7.23
N ARG B 180 -19.11 -19.83 8.14
CA ARG B 180 -20.36 -19.21 8.56
C ARG B 180 -21.05 -18.53 7.39
N VAL B 181 -20.29 -17.77 6.59
CA VAL B 181 -20.85 -17.12 5.40
C VAL B 181 -21.44 -18.20 4.50
N ARG B 182 -20.68 -19.28 4.31
CA ARG B 182 -21.04 -20.29 3.34
C ARG B 182 -22.26 -21.11 3.71
N LYS B 183 -22.49 -21.30 5.00
CA LYS B 183 -23.60 -22.13 5.43
C LYS B 183 -24.80 -21.33 5.92
N SER B 184 -24.69 -20.01 5.94
CA SER B 184 -25.77 -19.20 6.51
C SER B 184 -26.83 -18.72 5.51
N LYS B 185 -26.81 -19.29 4.31
CA LYS B 185 -27.92 -19.11 3.36
C LYS B 185 -28.20 -17.64 3.07
N GLY B 186 -27.12 -16.86 2.94
CA GLY B 186 -27.21 -15.46 2.59
C GLY B 186 -27.50 -14.51 3.73
N LYS B 187 -27.46 -15.00 4.96
CA LYS B 187 -27.83 -14.20 6.14
C LYS B 187 -26.63 -13.82 7.03
N TYR B 188 -25.42 -14.06 6.55
CA TYR B 188 -24.22 -13.64 7.29
C TYR B 188 -23.13 -13.13 6.36
N ALA B 189 -22.54 -12.00 6.74
CA ALA B 189 -21.42 -11.43 6.00
C ALA B 189 -20.26 -11.33 6.98
N TYR B 190 -19.03 -11.47 6.50
CA TYR B 190 -17.87 -11.58 7.38
C TYR B 190 -16.83 -10.55 6.98
N LEU B 191 -16.23 -9.93 7.97
CA LEU B 191 -15.26 -8.89 7.76
C LEU B 191 -13.85 -9.41 8.05
N LEU B 192 -12.99 -9.37 7.02
CA LEU B 192 -11.70 -10.03 7.07
C LEU B 192 -10.73 -9.37 6.09
N GLU B 193 -9.47 -9.78 6.15
CA GLU B 193 -8.45 -9.22 5.27
C GLU B 193 -8.78 -9.44 3.78
N SER B 194 -8.58 -8.39 2.98
CA SER B 194 -8.92 -8.41 1.55
C SER B 194 -8.21 -9.54 0.78
N THR B 195 -6.95 -9.76 1.12
CA THR B 195 -6.15 -10.86 0.59
C THR B 195 -6.79 -12.23 0.78
N MET B 196 -7.27 -12.51 1.99
CA MET B 196 -7.97 -13.78 2.25
C MET B 196 -9.30 -13.81 1.52
N ASN B 197 -10.04 -12.71 1.58
CA ASN B 197 -11.30 -12.56 0.84
C ASN B 197 -11.12 -12.90 -0.65
N GLU B 198 -10.10 -12.31 -1.26
CA GLU B 198 -9.85 -12.47 -2.70
C GLU B 198 -9.42 -13.89 -3.04
N TYR B 199 -8.76 -14.55 -2.10
CA TYR B 199 -8.31 -15.92 -2.33
C TYR B 199 -9.50 -16.87 -2.30
N ILE B 200 -10.34 -16.74 -1.28
CA ILE B 200 -11.48 -17.63 -1.11
C ILE B 200 -12.45 -17.52 -2.28
N GLU B 201 -12.53 -16.32 -2.85
CA GLU B 201 -13.41 -16.10 -4.00
C GLU B 201 -12.96 -16.95 -5.19
N GLN B 202 -11.69 -17.34 -5.20
CA GLN B 202 -11.16 -18.18 -6.28
C GLN B 202 -11.02 -19.66 -5.89
N ARG B 203 -11.63 -20.06 -4.79
CA ARG B 203 -11.63 -21.46 -4.37
C ARG B 203 -13.03 -22.06 -4.55
N LYS B 204 -13.09 -23.33 -4.95
CA LYS B 204 -14.35 -24.06 -4.95
C LYS B 204 -14.93 -24.09 -3.53
N PRO B 205 -16.26 -24.10 -3.41
CA PRO B 205 -17.24 -24.14 -4.49
C PRO B 205 -17.63 -22.78 -5.07
N CYS B 206 -16.72 -21.80 -5.05
CA CYS B 206 -16.96 -20.50 -5.70
C CYS B 206 -18.30 -19.88 -5.29
N ASP B 207 -18.60 -19.84 -3.99
CA ASP B 207 -19.90 -19.35 -3.56
C ASP B 207 -19.83 -18.07 -2.75
N THR B 208 -18.64 -17.48 -2.67
CA THR B 208 -18.45 -16.25 -1.92
C THR B 208 -17.92 -15.14 -2.82
N MET B 209 -18.02 -13.90 -2.34
CA MET B 209 -17.62 -12.77 -3.15
C MET B 209 -17.17 -11.62 -2.25
N LYS B 210 -16.07 -10.96 -2.64
CA LYS B 210 -15.64 -9.74 -1.97
C LYS B 210 -16.47 -8.59 -2.53
N VAL B 211 -17.00 -7.75 -1.65
CA VAL B 211 -17.79 -6.60 -2.11
C VAL B 211 -17.37 -5.33 -1.40
N GLY B 212 -17.46 -4.22 -2.13
CA GLY B 212 -17.12 -2.92 -1.61
C GLY B 212 -15.63 -2.70 -1.58
N GLY B 213 -15.22 -1.46 -1.35
CA GLY B 213 -13.81 -1.15 -1.22
C GLY B 213 -13.30 -1.56 0.14
N ASN B 214 -11.99 -1.55 0.33
CA ASN B 214 -11.42 -1.86 1.63
C ASN B 214 -11.74 -0.73 2.63
N LEU B 215 -11.92 -1.11 3.90
CA LEU B 215 -12.32 -0.16 4.95
C LEU B 215 -11.10 0.53 5.58
N ASP B 216 -9.93 -0.07 5.42
CA ASP B 216 -8.67 0.58 5.81
C ASP B 216 -7.54 0.12 4.90
N SER B 217 -6.33 0.49 5.26
CA SER B 217 -5.16 0.15 4.46
C SER B 217 -4.01 -0.31 5.36
N LYS B 218 -3.33 -1.38 4.96
CA LYS B 218 -2.12 -1.79 5.65
C LYS B 218 -1.33 -2.68 4.71
N GLY B 219 -0.19 -3.18 5.20
CA GLY B 219 0.63 -4.06 4.40
C GLY B 219 1.26 -5.20 5.18
N TYR B 220 1.65 -6.25 4.46
CA TYR B 220 2.47 -7.30 5.06
C TYR B 220 3.92 -6.93 4.87
N GLY B 221 4.76 -7.22 5.86
CA GLY B 221 6.18 -6.93 5.77
C GLY B 221 7.01 -8.09 6.26
N ILE B 222 8.24 -8.18 5.74
CA ILE B 222 9.17 -9.18 6.24
C ILE B 222 9.80 -8.64 7.53
N ALA B 223 9.92 -9.50 8.54
CA ALA B 223 10.33 -9.06 9.86
C ALA B 223 11.66 -9.68 10.27
N THR B 224 12.56 -8.85 10.77
CA THR B 224 13.84 -9.29 11.30
C THR B 224 14.06 -8.62 12.64
N PRO B 225 14.90 -9.21 13.50
CA PRO B 225 15.10 -8.56 14.80
C PRO B 225 15.94 -7.29 14.68
N LYS B 226 15.74 -6.35 15.61
CA LYS B 226 16.55 -5.12 15.64
C LYS B 226 18.06 -5.40 15.63
N GLY B 227 18.75 -4.83 14.65
CA GLY B 227 20.19 -5.02 14.54
C GLY B 227 20.58 -6.24 13.72
N SER B 228 19.59 -6.93 13.17
CA SER B 228 19.87 -8.10 12.33
C SER B 228 20.77 -7.71 11.15
N SER B 229 21.70 -8.59 10.81
CA SER B 229 22.57 -8.36 9.66
C SER B 229 21.82 -8.50 8.32
N LEU B 230 20.56 -8.93 8.38
CA LEU B 230 19.78 -9.21 7.18
C LEU B 230 18.85 -8.08 6.81
N GLY B 231 18.59 -7.19 7.75
CA GLY B 231 17.49 -6.23 7.61
C GLY B 231 17.59 -5.35 6.38
N ASN B 232 18.75 -4.73 6.21
CA ASN B 232 18.97 -3.82 5.11
C ASN B 232 18.78 -4.51 3.75
N ALA B 233 19.48 -5.62 3.53
CA ALA B 233 19.42 -6.32 2.24
C ALA B 233 18.01 -6.82 1.91
N VAL B 234 17.33 -7.36 2.92
CA VAL B 234 15.97 -7.87 2.76
C VAL B 234 15.03 -6.78 2.30
N ASN B 235 15.18 -5.59 2.89
CA ASN B 235 14.34 -4.47 2.54
C ASN B 235 14.54 -4.07 1.07
N LEU B 236 15.79 -3.97 0.66
CA LEU B 236 16.09 -3.60 -0.73
C LEU B 236 15.53 -4.67 -1.67
N ALA B 237 15.66 -5.93 -1.26
CA ALA B 237 15.14 -7.04 -2.05
C ALA B 237 13.63 -6.90 -2.31
N VAL B 238 12.87 -6.55 -1.29
CA VAL B 238 11.43 -6.37 -1.46
C VAL B 238 11.13 -5.30 -2.50
N LEU B 239 11.80 -4.15 -2.39
CA LEU B 239 11.59 -3.06 -3.33
C LEU B 239 11.95 -3.47 -4.75
N LYS B 240 13.08 -4.14 -4.94
CA LYS B 240 13.49 -4.60 -6.27
C LYS B 240 12.47 -5.57 -6.86
N LEU B 241 12.04 -6.54 -6.06
CA LEU B 241 11.04 -7.50 -6.52
C LEU B 241 9.76 -6.81 -6.95
N ASN B 242 9.33 -5.79 -6.20
CA ASN B 242 8.15 -5.02 -6.57
C ASN B 242 8.35 -4.25 -7.88
N GLU B 243 9.45 -3.52 -7.94
CA GLU B 243 9.75 -2.70 -9.10
C GLU B 243 9.92 -3.51 -10.37
N GLN B 244 10.47 -4.71 -10.26
CA GLN B 244 10.72 -5.57 -11.42
CA GLN B 244 10.69 -5.50 -11.47
C GLN B 244 9.50 -6.40 -11.81
N GLY B 245 8.37 -6.17 -11.15
CA GLY B 245 7.12 -6.84 -11.45
C GLY B 245 6.91 -8.22 -10.82
N LEU B 246 7.85 -8.65 -9.97
CA LEU B 246 7.82 -10.02 -9.47
C LEU B 246 6.76 -10.29 -8.43
N LEU B 247 6.52 -9.35 -7.53
CA LEU B 247 5.49 -9.52 -6.51
C LEU B 247 4.12 -9.61 -7.17
N ASP B 248 3.90 -8.80 -8.18
CA ASP B 248 2.64 -8.83 -8.91
C ASP B 248 2.47 -10.16 -9.63
N LYS B 249 3.57 -10.66 -10.19
CA LYS B 249 3.55 -11.95 -10.86
C LYS B 249 3.24 -13.06 -9.85
N LEU B 250 3.81 -12.96 -8.65
CA LEU B 250 3.64 -13.99 -7.62
C LEU B 250 2.22 -14.00 -7.07
N LYS B 251 1.62 -12.82 -6.91
CA LYS B 251 0.23 -12.79 -6.47
C LYS B 251 -0.68 -13.39 -7.52
N ASN B 252 -0.41 -13.08 -8.79
CA ASN B 252 -1.26 -13.62 -9.84
C ASN B 252 -1.17 -15.15 -9.90
N LYS B 253 0.04 -15.67 -9.71
CA LYS B 253 0.30 -17.10 -9.76
C LYS B 253 -0.54 -17.86 -8.73
N TRP B 254 -0.45 -17.40 -7.48
CA TRP B 254 -1.03 -18.13 -6.35
C TRP B 254 -2.51 -17.84 -6.10
N TRP B 255 -2.98 -16.69 -6.58
CA TRP B 255 -4.38 -16.33 -6.39
C TRP B 255 -5.23 -16.70 -7.61
N TYR B 256 -4.70 -16.44 -8.82
CA TYR B 256 -5.51 -16.51 -10.03
C TYR B 256 -5.18 -17.62 -11.03
N ASP B 257 -3.91 -17.75 -11.42
CA ASP B 257 -3.52 -18.85 -12.29
C ASP B 257 -3.83 -20.19 -11.64
N LYS B 258 -3.68 -20.25 -10.32
CA LYS B 258 -3.98 -21.47 -9.57
C LYS B 258 -5.38 -21.41 -8.96
N GLY B 259 -6.16 -20.41 -9.39
CA GLY B 259 -7.54 -20.28 -8.97
C GLY B 259 -8.40 -21.41 -9.50
N GLU B 260 -9.63 -21.51 -8.99
CA GLU B 260 -10.51 -22.62 -9.35
C GLU B 260 -11.89 -22.15 -9.81
N CYS B 261 -12.09 -20.84 -9.92
CA CYS B 261 -13.41 -20.32 -10.28
C CYS B 261 -13.39 -19.49 -11.56
S SO4 C . 13.94 7.75 -25.35
O1 SO4 C . 13.14 6.56 -25.65
O2 SO4 C . 14.40 7.72 -23.97
O3 SO4 C . 15.06 7.80 -26.28
O4 SO4 C . 13.12 8.95 -25.54
S SO4 D . 11.43 15.41 -11.15
O1 SO4 D . 11.35 13.96 -11.19
O2 SO4 D . 11.59 15.84 -9.77
O3 SO4 D . 10.21 15.99 -11.70
O4 SO4 D . 12.57 15.85 -11.94
C1 GOL E . -2.09 8.79 22.55
O1 GOL E . -1.27 7.62 22.44
C2 GOL E . -2.14 9.46 21.18
O2 GOL E . -0.81 9.88 20.82
C3 GOL E . -3.07 10.66 21.21
O3 GOL E . -3.31 11.14 19.89
N 4E5 F . 5.73 11.31 -6.81
CA 4E5 F . 6.73 11.07 -7.86
CAM 4E5 F . 7.96 11.26 -12.80
CAQ 4E5 F . 5.04 12.58 -7.11
CAR 4E5 F . 5.29 12.86 -8.61
CAV 4E5 F . 6.24 9.45 -12.92
CAY 4E5 F . 8.60 12.30 -12.12
CAZ 4E5 F . 6.90 10.56 -12.18
C 4E5 F . 8.11 10.89 -7.20
O 4E5 F . 9.11 10.84 -7.96
OAA 4E5 F . 5.19 8.93 -12.48
OAC 4E5 F . 6.78 9.05 -13.97
OAU 4E5 F . 9.61 12.97 -12.75
CB 4E5 F . 6.71 12.31 -8.77
CG 4E5 F . 7.16 11.96 -10.19
CD1 4E5 F . 8.20 12.65 -10.82
CD2 4E5 F . 6.51 10.91 -10.87
OXT 4E5 F . 8.20 10.81 -5.95
C1 EDO G . 1.18 26.80 11.33
O1 EDO G . 1.90 26.97 12.56
C2 EDO G . -0.12 26.05 11.59
O2 EDO G . -1.19 26.71 10.89
C1 EDO H . -14.49 20.05 -25.51
O1 EDO H . -14.64 18.64 -25.68
C2 EDO H . -15.40 20.51 -24.38
O2 EDO H . -14.84 20.10 -23.12
C ACT I . 3.25 -2.85 -2.26
O ACT I . 3.77 -3.46 -1.31
OXT ACT I . 3.75 -1.73 -2.54
CH3 ACT I . 2.10 -3.46 -3.00
S SO4 J . 10.20 -22.39 24.86
O1 SO4 J . 9.97 -23.83 24.71
O2 SO4 J . 9.62 -21.92 26.12
O3 SO4 J . 9.59 -21.68 23.74
O4 SO4 J . 11.63 -22.12 24.86
S SO4 K . -14.97 -8.17 24.45
O1 SO4 K . -16.01 -8.94 23.77
O2 SO4 K . -14.90 -8.58 25.86
O3 SO4 K . -13.68 -8.42 23.81
O4 SO4 K . -15.29 -6.75 24.39
S SO4 L . 16.04 -21.94 24.12
O1 SO4 L . 15.25 -23.18 24.04
O2 SO4 L . 16.27 -21.63 25.53
O3 SO4 L . 17.31 -22.13 23.44
O4 SO4 L . 15.32 -20.85 23.49
S SO4 M . -3.19 -14.85 16.28
O1 SO4 M . -2.46 -16.03 15.84
O2 SO4 M . -3.87 -15.13 17.54
O3 SO4 M . -4.18 -14.52 15.27
O4 SO4 M . -2.25 -13.74 16.45
C1 GOL N . 18.77 -7.71 -2.42
O1 GOL N . 19.11 -6.71 -1.45
C2 GOL N . 18.51 -7.17 -3.83
O2 GOL N . 18.08 -5.80 -3.81
C3 GOL N . 19.76 -7.30 -4.70
O3 GOL N . 19.46 -7.93 -5.96
N 4E5 O . -2.35 -11.07 9.09
CA 4E5 O . -2.84 -10.76 10.43
CAM 4E5 O . -6.69 -11.17 13.79
CAQ 4E5 O . -2.87 -12.39 8.67
CAR 4E5 O . -4.09 -12.63 9.57
CAV 4E5 O . -7.70 -9.41 12.30
CAY 4E5 O . -5.72 -12.16 14.05
CAZ 4E5 O . -6.66 -10.45 12.57
C 4E5 O . -1.64 -10.49 11.36
O 4E5 O . -0.50 -10.44 10.86
OAA 4E5 O . -8.50 -9.11 13.21
OAC 4E5 O . -7.73 -8.85 11.18
OAU 4E5 O . -5.74 -12.85 15.22
CB 4E5 O . -3.60 -12.02 10.88
CG 4E5 O . -4.68 -11.72 11.90
CD1 4E5 O . -4.71 -12.43 13.12
CD2 4E5 O . -5.65 -10.73 11.62
OXT 4E5 O . -1.83 -10.37 12.58
#